data_5HUY
#
_entry.id   5HUY
#
_cell.length_a   77.254
_cell.length_b   90.810
_cell.length_c   96.934
_cell.angle_alpha   90.00
_cell.angle_beta   90.00
_cell.angle_gamma   90.00
#
_symmetry.space_group_name_H-M   'P 21 21 21'
#
loop_
_entity.id
_entity.type
_entity.pdbx_description
1 polymer 'Importin subunit alpha-1'
2 polymer 'HCMV small terminase'
3 water water
#
loop_
_entity_poly.entity_id
_entity_poly.type
_entity_poly.pdbx_seq_one_letter_code
_entity_poly.pdbx_strand_id
1 'polypeptide(L)'
;STNENANLPAARLNRFKNKGKDSTEMRRRRIEVNVELRKAKKDEQMLKRRNVSSFPDDATSPLQENRNNQGTVNWSVEDI
VKGINSNNLESQLQATQAARKLLSREKQPPIDNIIRAGLIPKFVSFLGKTDCSPIQFESAWALTNIASGTSEQTKAVVDG
GAIPAFISLLASPHAHISEQAVWALGNIAGDGSAFRDLVIKHGAIDPLLALLAVPDLSTLACGYLRNLTWTLSNLCRNKN
PAPPLDAVEQILPTLVRLLHHNDPEVLADSCWAISYLTDGPNERIEMVVKKGVVPQLVKLLGATELPIVTPALRAIGNIV
TGTDEQTQKVIDAGALAVFPSLLTNPKTNIQKEATWTMSNITAGRQDQIQQVVNHGLVPFLVGVLSKADFKTQKEAAWAI
TNYTSGGTVEQIVYLVHCGIIEPLMNLLSAKDTKIIQVILDAISNIFQAAEKLGETEKLSIMIEECGGLDKIEALQRHEN
ESVYKASLNLIEKYFSVEEEEDQNVVPETTSEGFAFQVQDGAPGTFNF
;
C
2 'polypeptide(L)' VSRRVRATRKRPRRAS B,A
#
# COMPACT_ATOMS: atom_id res chain seq x y z
N ASN A 74 -2.10 12.00 -38.14
CA ASN A 74 -2.78 13.02 -37.36
C ASN A 74 -2.43 14.43 -37.78
N TRP A 75 -3.00 15.38 -37.05
CA TRP A 75 -2.73 16.80 -37.26
C TRP A 75 -1.45 17.24 -36.57
N SER A 76 -0.87 18.30 -37.10
CA SER A 76 0.17 19.04 -36.38
C SER A 76 -0.47 19.89 -35.29
N VAL A 77 0.34 20.26 -34.30
CA VAL A 77 -0.17 21.14 -33.25
C VAL A 77 -0.58 22.49 -33.84
N GLU A 78 0.16 22.98 -34.84
CA GLU A 78 -0.21 24.23 -35.52
C GLU A 78 -1.63 24.16 -36.09
N ASP A 79 -1.96 23.05 -36.76
CA ASP A 79 -3.31 22.92 -37.31
C ASP A 79 -4.36 22.82 -36.21
N ILE A 80 -4.04 22.10 -35.12
CA ILE A 80 -4.97 22.04 -34.01
C ILE A 80 -5.23 23.44 -33.48
N VAL A 81 -4.17 24.24 -33.33
CA VAL A 81 -4.31 25.60 -32.82
C VAL A 81 -5.16 26.45 -33.76
N LYS A 82 -4.93 26.32 -35.07
CA LYS A 82 -5.72 27.09 -36.03
C LYS A 82 -7.19 26.71 -35.96
N GLY A 83 -7.50 25.43 -35.81
CA GLY A 83 -8.89 25.02 -35.71
C GLY A 83 -9.53 25.51 -34.43
N ILE A 84 -8.79 25.47 -33.32
CA ILE A 84 -9.39 25.87 -32.05
C ILE A 84 -9.59 27.38 -32.00
N ASN A 85 -8.73 28.15 -32.67
CA ASN A 85 -8.83 29.60 -32.74
C ASN A 85 -9.86 30.08 -33.76
N SER A 86 -10.50 29.16 -34.51
CA SER A 86 -11.42 29.56 -35.57
C SER A 86 -12.70 30.19 -35.05
N ASN A 87 -13.09 29.92 -33.79
CA ASN A 87 -14.40 30.32 -33.29
C ASN A 87 -15.55 29.70 -34.08
N ASN A 88 -15.28 28.57 -34.74
CA ASN A 88 -16.29 27.78 -35.45
C ASN A 88 -16.42 26.50 -34.63
N LEU A 89 -17.59 26.30 -34.03
CA LEU A 89 -17.71 25.21 -33.05
C LEU A 89 -17.39 23.85 -33.67
N GLU A 90 -17.82 23.60 -34.90
CA GLU A 90 -17.51 22.32 -35.52
C GLU A 90 -16.03 22.22 -35.87
N SER A 91 -15.43 23.30 -36.39
CA SER A 91 -13.98 23.29 -36.58
C SER A 91 -13.23 23.08 -35.27
N GLN A 92 -13.73 23.67 -34.18
CA GLN A 92 -13.11 23.46 -32.87
C GLN A 92 -13.26 22.03 -32.40
N LEU A 93 -14.43 21.43 -32.65
CA LEU A 93 -14.66 20.03 -32.29
C LEU A 93 -13.70 19.10 -33.04
N GLN A 94 -13.56 19.31 -34.35
CA GLN A 94 -12.66 18.44 -35.12
C GLN A 94 -11.21 18.61 -34.69
N ALA A 95 -10.80 19.85 -34.37
CA ALA A 95 -9.44 20.08 -33.88
C ALA A 95 -9.23 19.48 -32.50
N THR A 96 -10.27 19.54 -31.64
CA THR A 96 -10.16 18.95 -30.31
C THR A 96 -10.08 17.42 -30.41
N GLN A 97 -10.86 16.82 -31.31
CA GLN A 97 -10.71 15.40 -31.54
C GLN A 97 -9.31 15.05 -32.04
N ALA A 98 -8.74 15.88 -32.92
CA ALA A 98 -7.38 15.62 -33.40
C ALA A 98 -6.38 15.73 -32.26
N ALA A 99 -6.59 16.66 -31.33
CA ALA A 99 -5.74 16.73 -30.14
C ALA A 99 -5.88 15.48 -29.28
N ARG A 100 -7.10 15.01 -29.06
CA ARG A 100 -7.25 13.81 -28.24
C ARG A 100 -6.57 12.61 -28.89
N LYS A 101 -6.66 12.46 -30.22
CA LYS A 101 -6.00 11.34 -30.90
C LYS A 101 -4.48 11.42 -30.75
N LEU A 102 -3.92 12.61 -30.93
CA LEU A 102 -2.50 12.83 -30.69
C LEU A 102 -2.12 12.46 -29.25
N LEU A 103 -2.94 12.88 -28.29
CA LEU A 103 -2.64 12.65 -26.88
C LEU A 103 -2.87 11.22 -26.42
N SER A 104 -3.68 10.43 -27.16
CA SER A 104 -3.99 9.07 -26.74
C SER A 104 -3.33 7.97 -27.54
N ARG A 105 -2.66 8.30 -28.64
CA ARG A 105 -2.21 7.29 -29.58
C ARG A 105 -0.70 7.17 -29.57
N GLU A 106 0.00 8.27 -29.84
CA GLU A 106 1.44 8.27 -29.68
C GLU A 106 1.82 7.86 -28.27
N LYS A 107 2.88 7.06 -28.19
CA LYS A 107 3.73 7.06 -27.01
C LYS A 107 4.74 8.19 -27.21
N GLN A 108 5.01 8.92 -26.14
CA GLN A 108 5.52 10.30 -26.19
C GLN A 108 4.50 11.20 -26.89
N PRO A 109 3.30 11.38 -26.34
CA PRO A 109 2.42 12.41 -26.86
C PRO A 109 3.02 13.79 -26.60
N PRO A 110 2.77 14.79 -27.53
CA PRO A 110 3.39 16.13 -27.37
C PRO A 110 2.59 16.97 -26.38
N ILE A 111 2.63 16.56 -25.10
CA ILE A 111 1.88 17.26 -24.06
C ILE A 111 2.42 18.68 -23.87
N ASP A 112 3.74 18.82 -23.76
CA ASP A 112 4.29 20.14 -23.51
C ASP A 112 4.01 21.08 -24.68
N ASN A 113 4.08 20.56 -25.90
CA ASN A 113 3.75 21.40 -27.06
C ASN A 113 2.30 21.87 -27.01
N ILE A 114 1.39 20.99 -26.60
CA ILE A 114 -0.02 21.38 -26.46
C ILE A 114 -0.17 22.45 -25.39
N ILE A 115 0.52 22.27 -24.25
CA ILE A 115 0.43 23.25 -23.16
C ILE A 115 1.03 24.58 -23.60
N ARG A 116 2.22 24.55 -24.20
CA ARG A 116 2.89 25.77 -24.63
C ARG A 116 2.10 26.51 -25.70
N ALA A 117 1.31 25.79 -26.50
CA ALA A 117 0.46 26.45 -27.49
C ALA A 117 -0.72 27.16 -26.84
N GLY A 118 -0.92 27.00 -25.54
CA GLY A 118 -1.98 27.71 -24.85
C GLY A 118 -3.35 27.10 -24.99
N LEU A 119 -3.43 25.79 -25.26
CA LEU A 119 -4.71 25.15 -25.56
C LEU A 119 -5.52 24.78 -24.31
N ILE A 120 -4.90 24.69 -23.12
CA ILE A 120 -5.63 24.19 -21.96
C ILE A 120 -6.83 25.06 -21.60
N PRO A 121 -6.70 26.40 -21.49
CA PRO A 121 -7.90 27.20 -21.22
C PRO A 121 -9.03 26.96 -22.22
N LYS A 122 -8.70 26.74 -23.49
CA LYS A 122 -9.73 26.46 -24.49
C LYS A 122 -10.42 25.13 -24.21
N PHE A 123 -9.63 24.07 -23.97
CA PHE A 123 -10.23 22.78 -23.63
C PHE A 123 -11.14 22.91 -22.41
N VAL A 124 -10.69 23.65 -21.38
CA VAL A 124 -11.49 23.80 -20.17
C VAL A 124 -12.81 24.50 -20.48
N SER A 125 -12.76 25.54 -21.33
CA SER A 125 -14.00 26.20 -21.69
C SER A 125 -14.94 25.25 -22.47
N PHE A 126 -14.37 24.34 -23.27
CA PHE A 126 -15.19 23.39 -24.01
C PHE A 126 -15.93 22.43 -23.08
N LEU A 127 -15.38 22.16 -21.89
CA LEU A 127 -16.08 21.29 -20.93
C LEU A 127 -17.44 21.83 -20.57
N GLY A 128 -17.63 23.14 -20.69
CA GLY A 128 -18.89 23.75 -20.35
C GLY A 128 -19.87 23.86 -21.48
N LYS A 129 -19.59 23.28 -22.65
CA LYS A 129 -20.52 23.48 -23.77
C LYS A 129 -21.54 22.34 -23.73
N THR A 130 -22.65 22.64 -23.06
CA THR A 130 -23.69 21.65 -22.82
C THR A 130 -24.48 21.36 -24.09
N ASP A 131 -24.52 22.34 -25.01
CA ASP A 131 -25.15 22.16 -26.31
C ASP A 131 -24.34 21.28 -27.24
N CYS A 132 -23.05 21.06 -26.96
CA CYS A 132 -22.25 20.15 -27.79
C CYS A 132 -21.58 19.12 -26.90
N SER A 133 -22.27 18.01 -26.66
CA SER A 133 -21.70 16.98 -25.79
C SER A 133 -20.47 16.34 -26.44
N PRO A 134 -20.41 16.16 -27.77
CA PRO A 134 -19.14 15.68 -28.36
C PRO A 134 -17.90 16.48 -27.97
N ILE A 135 -17.98 17.82 -27.97
CA ILE A 135 -16.74 18.53 -27.65
C ILE A 135 -16.45 18.49 -26.15
N GLN A 136 -17.48 18.31 -25.31
CA GLN A 136 -17.23 18.06 -23.89
C GLN A 136 -16.41 16.79 -23.71
N PHE A 137 -16.84 15.72 -24.38
CA PHE A 137 -16.14 14.44 -24.27
C PHE A 137 -14.71 14.54 -24.79
N GLU A 138 -14.53 15.11 -25.99
CA GLU A 138 -13.20 15.18 -26.58
C GLU A 138 -12.26 16.02 -25.73
N SER A 139 -12.72 17.17 -25.24
CA SER A 139 -11.83 17.97 -24.40
C SER A 139 -11.58 17.29 -23.04
N ALA A 140 -12.60 16.60 -22.49
CA ALA A 140 -12.37 15.87 -21.24
C ALA A 140 -11.29 14.80 -21.43
N TRP A 141 -11.35 14.08 -22.55
CA TRP A 141 -10.36 13.06 -22.84
C TRP A 141 -8.98 13.68 -23.03
N ALA A 142 -8.90 14.77 -23.79
CA ALA A 142 -7.61 15.43 -23.99
C ALA A 142 -7.02 15.89 -22.66
N LEU A 143 -7.83 16.55 -21.82
CA LEU A 143 -7.35 17.04 -20.53
C LEU A 143 -6.99 15.91 -19.58
N THR A 144 -7.75 14.80 -19.58
CA THR A 144 -7.39 13.62 -18.80
C THR A 144 -5.94 13.21 -19.07
N ASN A 145 -5.56 13.17 -20.35
CA ASN A 145 -4.26 12.65 -20.69
C ASN A 145 -3.15 13.65 -20.40
N ILE A 146 -3.43 14.94 -20.53
CA ILE A 146 -2.48 15.95 -20.05
C ILE A 146 -2.28 15.80 -18.54
N ALA A 147 -3.37 15.62 -17.79
CA ALA A 147 -3.32 15.48 -16.33
C ALA A 147 -2.67 14.18 -15.87
N SER A 148 -2.56 13.19 -16.75
CA SER A 148 -1.86 11.95 -16.43
C SER A 148 -0.35 12.09 -16.46
N GLY A 149 0.18 13.25 -16.87
CA GLY A 149 1.61 13.43 -17.08
C GLY A 149 2.34 13.79 -15.80
N THR A 150 3.39 14.58 -15.93
CA THR A 150 4.18 15.06 -14.79
C THR A 150 3.35 15.99 -13.91
N SER A 151 3.85 16.24 -12.69
CA SER A 151 3.17 17.17 -11.79
C SER A 151 3.01 18.54 -12.42
N GLU A 152 4.03 19.02 -13.15
CA GLU A 152 3.93 20.27 -13.88
C GLU A 152 2.82 20.23 -14.91
N GLN A 153 2.69 19.11 -15.63
CA GLN A 153 1.60 18.99 -16.60
C GLN A 153 0.25 18.90 -15.91
N THR A 154 0.16 18.17 -14.79
CA THR A 154 -1.11 18.17 -14.05
C THR A 154 -1.43 19.56 -13.52
N LYS A 155 -0.43 20.29 -13.05
CA LYS A 155 -0.69 21.63 -12.53
C LYS A 155 -1.21 22.56 -13.62
N ALA A 156 -0.73 22.38 -14.86
CA ALA A 156 -1.23 23.21 -15.96
C ALA A 156 -2.73 23.04 -16.14
N VAL A 157 -3.23 21.81 -16.00
CA VAL A 157 -4.66 21.53 -16.11
C VAL A 157 -5.43 22.19 -14.97
N VAL A 158 -4.97 21.99 -13.73
CA VAL A 158 -5.59 22.63 -12.57
C VAL A 158 -5.55 24.16 -12.72
N ASP A 159 -4.40 24.72 -13.12
CA ASP A 159 -4.26 26.17 -13.25
C ASP A 159 -5.22 26.74 -14.29
N GLY A 160 -5.64 25.95 -15.26
CA GLY A 160 -6.62 26.36 -16.25
C GLY A 160 -8.07 26.29 -15.81
N GLY A 161 -8.33 26.01 -14.53
CA GLY A 161 -9.70 25.97 -14.04
C GLY A 161 -10.42 24.66 -14.23
N ALA A 162 -9.69 23.58 -14.50
CA ALA A 162 -10.34 22.31 -14.83
C ALA A 162 -11.12 21.72 -13.66
N ILE A 163 -10.69 21.93 -12.42
CA ILE A 163 -11.31 21.17 -11.32
C ILE A 163 -12.80 21.44 -11.25
N PRO A 164 -13.29 22.69 -11.11
CA PRO A 164 -14.74 22.86 -11.00
C PRO A 164 -15.48 22.53 -12.30
N ALA A 165 -14.83 22.66 -13.45
CA ALA A 165 -15.46 22.29 -14.71
C ALA A 165 -15.69 20.77 -14.79
N PHE A 166 -14.71 19.97 -14.33
CA PHE A 166 -14.91 18.52 -14.32
C PHE A 166 -15.96 18.11 -13.31
N ILE A 167 -15.99 18.77 -12.15
CA ILE A 167 -16.99 18.42 -11.13
C ILE A 167 -18.40 18.68 -11.66
N SER A 168 -18.58 19.78 -12.41
CA SER A 168 -19.88 20.02 -13.04
C SER A 168 -20.23 18.91 -14.03
N LEU A 169 -19.24 18.40 -14.75
CA LEU A 169 -19.48 17.38 -15.76
C LEU A 169 -19.88 16.04 -15.15
N LEU A 170 -19.64 15.85 -13.84
CA LEU A 170 -20.12 14.64 -13.18
C LEU A 170 -21.63 14.50 -13.26
N ALA A 171 -22.35 15.60 -13.49
CA ALA A 171 -23.79 15.60 -13.61
C ALA A 171 -24.27 15.40 -15.05
N SER A 172 -23.36 15.12 -15.97
CA SER A 172 -23.76 14.96 -17.36
C SER A 172 -24.76 13.82 -17.51
N PRO A 173 -25.79 14.00 -18.34
CA PRO A 173 -26.68 12.86 -18.66
C PRO A 173 -25.99 11.73 -19.42
N HIS A 174 -24.83 11.99 -20.02
CA HIS A 174 -24.13 11.02 -20.85
C HIS A 174 -23.09 10.30 -20.02
N ALA A 175 -23.28 8.99 -19.82
CA ALA A 175 -22.38 8.23 -18.95
C ALA A 175 -20.94 8.28 -19.45
N HIS A 176 -20.72 8.32 -20.77
CA HIS A 176 -19.33 8.34 -21.24
C HIS A 176 -18.65 9.66 -20.90
N ILE A 177 -19.42 10.73 -20.75
CA ILE A 177 -18.84 12.02 -20.39
C ILE A 177 -18.62 12.11 -18.89
N SER A 178 -19.59 11.64 -18.11
CA SER A 178 -19.40 11.62 -16.67
C SER A 178 -18.20 10.76 -16.30
N GLU A 179 -18.05 9.57 -16.93
CA GLU A 179 -16.90 8.74 -16.55
C GLU A 179 -15.58 9.39 -16.95
N GLN A 180 -15.55 10.16 -18.04
CA GLN A 180 -14.29 10.82 -18.40
C GLN A 180 -13.92 11.91 -17.40
N ALA A 181 -14.93 12.62 -16.86
CA ALA A 181 -14.67 13.59 -15.79
C ALA A 181 -14.20 12.89 -14.51
N VAL A 182 -14.78 11.73 -14.17
CA VAL A 182 -14.29 10.93 -13.05
C VAL A 182 -12.81 10.62 -13.22
N TRP A 183 -12.45 10.12 -14.41
CA TRP A 183 -11.07 9.76 -14.73
C TRP A 183 -10.12 10.96 -14.57
N ALA A 184 -10.49 12.10 -15.15
CA ALA A 184 -9.65 13.29 -15.05
C ALA A 184 -9.45 13.72 -13.60
N LEU A 185 -10.52 13.71 -12.79
CA LEU A 185 -10.37 14.07 -11.39
C LEU A 185 -9.49 13.07 -10.65
N GLY A 186 -9.51 11.81 -11.06
CA GLY A 186 -8.62 10.82 -10.47
C GLY A 186 -7.16 11.10 -10.75
N ASN A 187 -6.86 11.56 -11.98
CA ASN A 187 -5.48 11.92 -12.31
C ASN A 187 -5.02 13.15 -11.53
N ILE A 188 -5.90 14.14 -11.39
CA ILE A 188 -5.56 15.35 -10.62
C ILE A 188 -5.32 15.01 -9.16
N ALA A 189 -6.26 14.27 -8.54
CA ALA A 189 -6.10 13.82 -7.15
C ALA A 189 -4.88 12.94 -6.98
N GLY A 190 -4.56 12.11 -8.00
CA GLY A 190 -3.41 11.24 -7.91
C GLY A 190 -2.07 11.96 -7.90
N ASP A 191 -2.07 13.27 -8.16
CA ASP A 191 -0.80 13.99 -8.13
C ASP A 191 -0.20 14.09 -6.73
N GLY A 192 -1.03 14.15 -5.70
CA GLY A 192 -0.51 14.33 -4.36
C GLY A 192 -1.57 14.89 -3.45
N SER A 193 -1.17 15.09 -2.18
CA SER A 193 -2.15 15.46 -1.16
C SER A 193 -2.76 16.85 -1.40
N ALA A 194 -1.98 17.79 -1.94
CA ALA A 194 -2.51 19.15 -2.16
C ALA A 194 -3.63 19.15 -3.20
N PHE A 195 -3.39 18.56 -4.37
CA PHE A 195 -4.45 18.50 -5.38
C PHE A 195 -5.57 17.55 -4.97
N ARG A 196 -5.25 16.47 -4.26
CA ARG A 196 -6.30 15.63 -3.69
C ARG A 196 -7.24 16.48 -2.84
N ASP A 197 -6.67 17.24 -1.88
CA ASP A 197 -7.50 18.05 -0.99
C ASP A 197 -8.18 19.19 -1.72
N LEU A 198 -7.57 19.71 -2.79
CA LEU A 198 -8.22 20.76 -3.58
C LEU A 198 -9.42 20.20 -4.36
N VAL A 199 -9.30 19.01 -4.93
CA VAL A 199 -10.46 18.35 -5.53
C VAL A 199 -11.58 18.18 -4.49
N ILE A 200 -11.23 17.79 -3.27
CA ILE A 200 -12.24 17.64 -2.21
C ILE A 200 -12.87 18.98 -1.86
N LYS A 201 -12.04 20.04 -1.73
CA LYS A 201 -12.58 21.35 -1.36
C LYS A 201 -13.56 21.87 -2.42
N HIS A 202 -13.34 21.56 -3.68
CA HIS A 202 -14.26 21.98 -4.73
C HIS A 202 -15.57 21.23 -4.74
N GLY A 203 -15.75 20.24 -3.86
CA GLY A 203 -17.01 19.53 -3.77
C GLY A 203 -17.15 18.28 -4.61
N ALA A 204 -16.05 17.57 -4.90
CA ALA A 204 -16.13 16.39 -5.77
C ALA A 204 -16.82 15.20 -5.11
N ILE A 205 -16.76 15.06 -3.78
CA ILE A 205 -17.13 13.77 -3.19
C ILE A 205 -18.63 13.50 -3.34
N ASP A 206 -19.48 14.50 -3.04
CA ASP A 206 -20.92 14.26 -3.15
C ASP A 206 -21.33 13.78 -4.53
N PRO A 207 -21.01 14.48 -5.63
CA PRO A 207 -21.43 13.96 -6.95
C PRO A 207 -20.76 12.64 -7.34
N LEU A 208 -19.52 12.37 -6.92
CA LEU A 208 -18.91 11.07 -7.20
C LEU A 208 -19.70 9.94 -6.53
N LEU A 209 -20.01 10.09 -5.25
CA LEU A 209 -20.75 9.05 -4.54
C LEU A 209 -22.17 8.89 -5.09
N ALA A 210 -22.79 9.99 -5.55
CA ALA A 210 -24.12 9.92 -6.14
C ALA A 210 -24.16 9.04 -7.38
N LEU A 211 -23.06 8.96 -8.14
CA LEU A 211 -23.00 8.07 -9.29
C LEU A 211 -23.07 6.61 -8.88
N LEU A 212 -22.69 6.30 -7.64
CA LEU A 212 -22.71 4.95 -7.13
C LEU A 212 -23.96 4.64 -6.31
N ALA A 213 -24.94 5.55 -6.27
CA ALA A 213 -26.05 5.30 -5.36
C ALA A 213 -27.12 4.53 -6.12
N VAL A 214 -26.93 3.23 -6.15
CA VAL A 214 -27.86 2.26 -6.68
C VAL A 214 -27.90 1.08 -5.75
N PRO A 215 -29.01 0.35 -5.72
CA PRO A 215 -29.10 -0.79 -4.78
C PRO A 215 -28.13 -1.92 -5.08
N ASP A 216 -27.79 -2.14 -6.35
CA ASP A 216 -26.92 -3.25 -6.74
C ASP A 216 -25.90 -2.68 -7.73
N LEU A 217 -24.63 -2.67 -7.33
CA LEU A 217 -23.56 -2.20 -8.21
C LEU A 217 -23.49 -2.97 -9.53
N SER A 218 -24.01 -4.20 -9.58
CA SER A 218 -23.95 -5.02 -10.79
C SER A 218 -24.74 -4.44 -11.95
N THR A 219 -25.60 -3.45 -11.71
CA THR A 219 -26.32 -2.82 -12.81
C THR A 219 -25.50 -1.74 -13.50
N LEU A 220 -24.37 -1.33 -12.95
CA LEU A 220 -23.52 -0.32 -13.54
C LEU A 220 -22.57 -0.95 -14.57
N ALA A 221 -22.20 -0.17 -15.59
CA ALA A 221 -21.24 -0.66 -16.57
C ALA A 221 -19.90 -0.95 -15.89
N CYS A 222 -19.27 -2.05 -16.30
CA CYS A 222 -18.03 -2.51 -15.69
C CYS A 222 -16.91 -1.47 -15.75
N GLY A 223 -16.68 -0.89 -16.94
CA GLY A 223 -15.62 0.10 -17.07
C GLY A 223 -15.91 1.35 -16.26
N TYR A 224 -17.16 1.78 -16.25
CA TYR A 224 -17.59 2.93 -15.45
C TYR A 224 -17.31 2.70 -13.97
N LEU A 225 -17.68 1.53 -13.46
CA LEU A 225 -17.48 1.21 -12.05
C LEU A 225 -16.00 1.14 -11.71
N ARG A 226 -15.19 0.61 -12.61
CA ARG A 226 -13.76 0.52 -12.37
C ARG A 226 -13.12 1.89 -12.28
N ASN A 227 -13.55 2.82 -13.13
CA ASN A 227 -13.00 4.17 -13.11
C ASN A 227 -13.40 4.92 -11.85
N LEU A 228 -14.66 4.79 -11.41
CA LEU A 228 -15.09 5.38 -10.15
C LEU A 228 -14.30 4.82 -8.98
N THR A 229 -14.10 3.51 -8.95
CA THR A 229 -13.36 2.92 -7.82
C THR A 229 -11.93 3.46 -7.77
N TRP A 230 -11.26 3.49 -8.93
CA TRP A 230 -9.88 3.96 -8.98
C TRP A 230 -9.79 5.43 -8.55
N THR A 231 -10.70 6.28 -9.03
CA THR A 231 -10.66 7.68 -8.61
C THR A 231 -10.91 7.83 -7.12
N LEU A 232 -11.85 7.05 -6.56
CA LEU A 232 -12.10 7.10 -5.13
C LEU A 232 -10.86 6.68 -4.35
N SER A 233 -10.15 5.66 -4.84
CA SER A 233 -8.92 5.21 -4.17
C SER A 233 -7.86 6.32 -4.15
N ASN A 234 -7.81 7.16 -5.20
CA ASN A 234 -6.85 8.26 -5.17
C ASN A 234 -7.27 9.35 -4.19
N LEU A 235 -8.57 9.51 -3.94
CA LEU A 235 -8.97 10.45 -2.89
C LEU A 235 -8.62 9.94 -1.50
N CYS A 236 -8.35 8.65 -1.35
CA CYS A 236 -7.91 8.04 -0.09
C CYS A 236 -6.41 8.01 0.09
N ARG A 237 -5.73 8.48 -0.97
CA ARG A 237 -4.29 8.44 -1.14
C ARG A 237 -3.47 9.42 -0.29
N ASN A 238 -2.23 9.03 -0.13
CA ASN A 238 -1.13 9.72 0.56
C ASN A 238 -1.34 10.17 2.00
N LYS A 239 -0.21 10.62 2.56
CA LYS A 239 -0.06 10.56 4.00
C LYS A 239 0.25 11.88 4.69
N ASN A 240 0.58 12.93 3.95
CA ASN A 240 1.16 14.09 4.60
C ASN A 240 0.63 15.38 3.98
N PRO A 241 -0.60 15.74 4.33
CA PRO A 241 -1.35 15.00 5.34
C PRO A 241 -2.22 13.88 4.79
N ALA A 242 -2.80 13.12 5.71
CA ALA A 242 -3.85 12.19 5.36
C ALA A 242 -5.08 12.97 4.89
N PRO A 243 -5.99 12.35 4.15
CA PRO A 243 -7.19 13.07 3.69
C PRO A 243 -8.06 13.49 4.87
N PRO A 244 -8.91 14.50 4.67
CA PRO A 244 -9.72 15.02 5.79
C PRO A 244 -10.60 13.92 6.39
N LEU A 245 -10.72 13.93 7.71
CA LEU A 245 -11.46 12.88 8.40
C LEU A 245 -12.89 12.77 7.87
N ASP A 246 -13.56 13.90 7.67
CA ASP A 246 -14.95 13.86 7.24
C ASP A 246 -15.10 13.38 5.81
N ALA A 247 -14.07 13.57 4.98
CA ALA A 247 -14.08 12.98 3.65
C ALA A 247 -13.96 11.47 3.72
N VAL A 248 -13.07 10.96 4.57
CA VAL A 248 -12.93 9.52 4.75
C VAL A 248 -14.23 8.93 5.25
N GLU A 249 -14.83 9.55 6.26
CA GLU A 249 -16.10 9.06 6.79
C GLU A 249 -17.18 9.05 5.72
N GLN A 250 -17.20 10.06 4.86
CA GLN A 250 -18.23 10.13 3.82
C GLN A 250 -18.04 9.04 2.76
N ILE A 251 -16.79 8.73 2.42
CA ILE A 251 -16.47 7.76 1.37
C ILE A 251 -16.57 6.31 1.86
N LEU A 252 -16.23 6.05 3.12
CA LEU A 252 -16.03 4.67 3.59
C LEU A 252 -17.19 3.72 3.29
N PRO A 253 -18.47 4.07 3.55
CA PRO A 253 -19.54 3.09 3.25
C PRO A 253 -19.56 2.64 1.79
N THR A 254 -19.34 3.57 0.87
CA THR A 254 -19.28 3.23 -0.55
C THR A 254 -18.07 2.37 -0.85
N LEU A 255 -16.95 2.66 -0.21
CA LEU A 255 -15.75 1.87 -0.39
C LEU A 255 -15.96 0.43 0.09
N VAL A 256 -16.65 0.25 1.21
CA VAL A 256 -16.91 -1.11 1.71
C VAL A 256 -17.81 -1.87 0.73
N ARG A 257 -18.82 -1.21 0.14
CA ARG A 257 -19.57 -1.86 -0.94
C ARG A 257 -18.65 -2.33 -2.06
N LEU A 258 -17.70 -1.49 -2.46
CA LEU A 258 -16.83 -1.85 -3.58
C LEU A 258 -15.91 -3.00 -3.22
N LEU A 259 -15.49 -3.08 -1.97
CA LEU A 259 -14.68 -4.19 -1.46
C LEU A 259 -15.41 -5.51 -1.52
N HIS A 260 -16.74 -5.52 -1.58
CA HIS A 260 -17.52 -6.74 -1.71
C HIS A 260 -18.01 -7.01 -3.13
N HIS A 261 -17.62 -6.18 -4.10
CA HIS A 261 -18.09 -6.31 -5.47
C HIS A 261 -17.19 -7.29 -6.23
N ASN A 262 -17.78 -8.25 -6.93
CA ASN A 262 -16.93 -9.26 -7.55
C ASN A 262 -16.59 -8.80 -8.96
N ASP A 263 -15.49 -8.07 -9.06
CA ASP A 263 -14.78 -7.76 -10.27
C ASP A 263 -13.35 -7.65 -9.76
N PRO A 264 -12.39 -8.26 -10.43
CA PRO A 264 -11.01 -8.25 -9.88
C PRO A 264 -10.40 -6.87 -9.83
N GLU A 265 -10.68 -5.99 -10.79
CA GLU A 265 -10.05 -4.68 -10.74
C GLU A 265 -10.71 -3.77 -9.71
N VAL A 266 -12.03 -3.85 -9.57
CA VAL A 266 -12.69 -3.12 -8.48
C VAL A 266 -12.17 -3.57 -7.12
N LEU A 267 -12.03 -4.88 -6.93
CA LEU A 267 -11.50 -5.38 -5.66
C LEU A 267 -10.08 -4.90 -5.40
N ALA A 268 -9.22 -4.95 -6.42
CA ALA A 268 -7.85 -4.49 -6.25
C ALA A 268 -7.80 -3.02 -5.80
N ASP A 269 -8.52 -2.15 -6.51
CA ASP A 269 -8.44 -0.72 -6.20
C ASP A 269 -9.13 -0.40 -4.88
N SER A 270 -10.23 -1.09 -4.55
CA SER A 270 -10.83 -0.95 -3.20
C SER A 270 -9.84 -1.35 -2.11
N CYS A 271 -9.14 -2.47 -2.31
CA CYS A 271 -8.10 -2.88 -1.36
C CYS A 271 -6.99 -1.83 -1.25
N TRP A 272 -6.56 -1.26 -2.38
CA TRP A 272 -5.55 -0.20 -2.29
C TRP A 272 -6.07 0.95 -1.43
N ALA A 273 -7.32 1.39 -1.68
CA ALA A 273 -7.89 2.46 -0.88
C ALA A 273 -7.86 2.12 0.62
N ILE A 274 -8.27 0.90 0.97
CA ILE A 274 -8.26 0.50 2.39
C ILE A 274 -6.83 0.48 2.94
N SER A 275 -5.86 0.02 2.12
CA SER A 275 -4.47 0.03 2.59
C SER A 275 -3.98 1.45 2.83
N TYR A 276 -4.40 2.42 2.01
CA TYR A 276 -4.04 3.82 2.25
C TYR A 276 -4.65 4.30 3.56
N LEU A 277 -5.95 4.02 3.76
CA LEU A 277 -6.65 4.56 4.92
C LEU A 277 -6.12 3.98 6.21
N THR A 278 -5.61 2.74 6.20
CA THR A 278 -5.05 2.11 7.38
C THR A 278 -3.57 2.46 7.61
N ASP A 279 -2.96 3.26 6.74
CA ASP A 279 -1.54 3.58 6.87
C ASP A 279 -1.47 4.93 7.59
N GLY A 280 -1.19 4.88 8.89
CA GLY A 280 -1.32 6.06 9.73
C GLY A 280 -1.59 5.72 11.18
N PRO A 281 -2.06 6.70 11.96
CA PRO A 281 -2.25 6.52 13.40
C PRO A 281 -3.37 5.54 13.72
N ASN A 282 -3.36 5.04 14.96
CA ASN A 282 -4.34 4.03 15.36
C ASN A 282 -5.78 4.53 15.23
N GLU A 283 -6.00 5.84 15.32
CA GLU A 283 -7.35 6.37 15.15
C GLU A 283 -7.84 6.21 13.72
N ARG A 284 -6.94 6.29 12.74
CA ARG A 284 -7.33 6.05 11.36
C ARG A 284 -7.61 4.57 11.14
N ILE A 285 -6.80 3.71 11.74
CA ILE A 285 -7.04 2.27 11.66
C ILE A 285 -8.39 1.91 12.26
N GLU A 286 -8.72 2.51 13.42
CA GLU A 286 -9.99 2.20 14.10
C GLU A 286 -11.20 2.50 13.21
N MET A 287 -11.19 3.62 12.49
CA MET A 287 -12.40 3.92 11.73
C MET A 287 -12.60 2.96 10.56
N VAL A 288 -11.52 2.34 10.06
CA VAL A 288 -11.67 1.28 9.07
C VAL A 288 -12.12 -0.02 9.73
N VAL A 289 -11.46 -0.40 10.81
CA VAL A 289 -11.78 -1.67 11.48
C VAL A 289 -13.23 -1.68 11.97
N LYS A 290 -13.74 -0.54 12.42
CA LYS A 290 -15.10 -0.55 12.94
C LYS A 290 -16.16 -0.63 11.84
N LYS A 291 -15.79 -0.49 10.56
CA LYS A 291 -16.73 -0.76 9.48
C LYS A 291 -16.86 -2.25 9.19
N GLY A 292 -16.13 -3.09 9.90
CA GLY A 292 -16.28 -4.53 9.75
C GLY A 292 -15.57 -5.14 8.58
N VAL A 293 -14.57 -4.46 8.00
CA VAL A 293 -13.96 -4.95 6.76
C VAL A 293 -12.91 -6.04 6.96
N VAL A 294 -12.47 -6.33 8.18
CA VAL A 294 -11.34 -7.26 8.35
C VAL A 294 -11.66 -8.65 7.82
N PRO A 295 -12.82 -9.27 8.09
CA PRO A 295 -13.07 -10.59 7.48
C PRO A 295 -13.02 -10.57 5.97
N GLN A 296 -13.50 -9.49 5.34
CA GLN A 296 -13.41 -9.43 3.88
C GLN A 296 -11.97 -9.26 3.41
N LEU A 297 -11.15 -8.47 4.12
CA LEU A 297 -9.73 -8.38 3.76
C LEU A 297 -9.06 -9.74 3.85
N VAL A 298 -9.39 -10.52 4.88
CA VAL A 298 -8.77 -11.84 5.04
C VAL A 298 -9.19 -12.77 3.89
N LYS A 299 -10.47 -12.76 3.52
CA LYS A 299 -10.91 -13.50 2.34
C LYS A 299 -10.10 -13.09 1.10
N LEU A 300 -9.94 -11.78 0.87
CA LEU A 300 -9.18 -11.32 -0.28
C LEU A 300 -7.70 -11.66 -0.15
N LEU A 301 -7.22 -11.79 1.08
CA LEU A 301 -5.85 -12.20 1.34
C LEU A 301 -5.57 -13.58 0.76
N GLY A 302 -6.60 -14.40 0.60
CA GLY A 302 -6.47 -15.71 -0.02
C GLY A 302 -6.84 -15.77 -1.48
N ALA A 303 -7.01 -14.63 -2.15
CA ALA A 303 -7.35 -14.65 -3.57
C ALA A 303 -6.20 -15.19 -4.40
N THR A 304 -6.52 -15.62 -5.62
CA THR A 304 -5.50 -16.09 -6.54
C THR A 304 -4.83 -14.95 -7.31
N GLU A 305 -5.49 -13.79 -7.43
CA GLU A 305 -4.93 -12.67 -8.18
C GLU A 305 -3.92 -11.94 -7.30
N LEU A 306 -2.67 -11.92 -7.73
CA LEU A 306 -1.66 -11.10 -7.07
C LEU A 306 -2.02 -9.62 -6.97
N PRO A 307 -2.68 -8.99 -7.94
CA PRO A 307 -3.06 -7.58 -7.75
C PRO A 307 -4.08 -7.36 -6.63
N ILE A 308 -4.82 -8.39 -6.22
CA ILE A 308 -5.68 -8.31 -5.03
C ILE A 308 -4.92 -8.63 -3.75
N VAL A 309 -4.10 -9.69 -3.77
CA VAL A 309 -3.42 -10.11 -2.54
C VAL A 309 -2.49 -9.02 -2.04
N THR A 310 -1.76 -8.37 -2.95
CA THR A 310 -0.79 -7.35 -2.55
C THR A 310 -1.42 -6.26 -1.69
N PRO A 311 -2.44 -5.51 -2.15
CA PRO A 311 -3.02 -4.48 -1.28
C PRO A 311 -3.78 -5.03 -0.08
N ALA A 312 -4.40 -6.21 -0.17
CA ALA A 312 -5.03 -6.78 1.01
C ALA A 312 -3.99 -7.04 2.08
N LEU A 313 -2.85 -7.61 1.70
CA LEU A 313 -1.80 -7.90 2.67
C LEU A 313 -1.23 -6.61 3.25
N ARG A 314 -1.08 -5.57 2.43
CA ARG A 314 -0.62 -4.28 2.96
C ARG A 314 -1.59 -3.73 4.01
N ALA A 315 -2.90 -3.82 3.74
CA ALA A 315 -3.88 -3.32 4.70
C ALA A 315 -3.88 -4.14 5.98
N ILE A 316 -3.79 -5.48 5.87
CA ILE A 316 -3.73 -6.32 7.07
C ILE A 316 -2.48 -5.97 7.87
N GLY A 317 -1.35 -5.82 7.17
CA GLY A 317 -0.11 -5.44 7.84
C GLY A 317 -0.23 -4.10 8.57
N ASN A 318 -0.85 -3.11 7.91
CA ASN A 318 -1.05 -1.82 8.55
C ASN A 318 -1.89 -1.96 9.82
N ILE A 319 -2.94 -2.77 9.77
CA ILE A 319 -3.84 -2.90 10.92
C ILE A 319 -3.10 -3.47 12.13
N VAL A 320 -2.20 -4.43 11.90
CA VAL A 320 -1.50 -5.02 13.05
C VAL A 320 -0.35 -4.15 13.54
N THR A 321 -0.07 -3.01 12.91
CA THR A 321 0.79 -2.01 13.56
C THR A 321 0.06 -1.26 14.67
N GLY A 322 -1.25 -1.46 14.81
CA GLY A 322 -2.07 -0.76 15.79
C GLY A 322 -2.10 -1.46 17.14
N THR A 323 -3.24 -1.34 17.82
CA THR A 323 -3.32 -1.84 19.19
C THR A 323 -3.42 -3.36 19.19
N ASP A 324 -3.36 -3.92 20.41
CA ASP A 324 -3.52 -5.35 20.58
C ASP A 324 -4.92 -5.80 20.21
N GLU A 325 -5.91 -4.98 20.51
CA GLU A 325 -7.28 -5.32 20.10
C GLU A 325 -7.43 -5.27 18.59
N GLN A 326 -6.88 -4.23 17.94
CA GLN A 326 -6.94 -4.18 16.49
C GLN A 326 -6.22 -5.37 15.88
N THR A 327 -5.07 -5.74 16.43
CA THR A 327 -4.36 -6.93 15.95
C THR A 327 -5.20 -8.18 16.17
N GLN A 328 -5.91 -8.26 17.30
CA GLN A 328 -6.70 -9.45 17.59
C GLN A 328 -7.84 -9.64 16.59
N LYS A 329 -8.40 -8.56 16.03
CA LYS A 329 -9.43 -8.71 14.99
C LYS A 329 -8.90 -9.44 13.77
N VAL A 330 -7.67 -9.14 13.39
CA VAL A 330 -7.04 -9.80 12.25
C VAL A 330 -6.89 -11.29 12.53
N ILE A 331 -6.43 -11.63 13.74
CA ILE A 331 -6.26 -13.02 14.12
C ILE A 331 -7.63 -13.71 14.19
N ASP A 332 -8.60 -13.07 14.85
CA ASP A 332 -9.95 -13.62 14.99
C ASP A 332 -10.57 -13.91 13.63
N ALA A 333 -10.27 -13.10 12.63
CA ALA A 333 -10.81 -13.29 11.29
C ALA A 333 -10.17 -14.48 10.56
N GLY A 334 -9.13 -15.07 11.10
CA GLY A 334 -8.50 -16.23 10.48
C GLY A 334 -7.31 -15.92 9.60
N ALA A 335 -6.69 -14.74 9.74
CA ALA A 335 -5.61 -14.36 8.84
C ALA A 335 -4.41 -15.29 8.95
N LEU A 336 -4.12 -15.84 10.15
CA LEU A 336 -2.89 -16.61 10.31
C LEU A 336 -2.92 -17.88 9.47
N ALA A 337 -4.11 -18.40 9.15
CA ALA A 337 -4.21 -19.62 8.34
C ALA A 337 -3.68 -19.40 6.92
N VAL A 338 -3.57 -18.16 6.46
CA VAL A 338 -3.05 -17.87 5.12
C VAL A 338 -1.53 -17.76 5.10
N PHE A 339 -0.91 -17.55 6.25
CA PHE A 339 0.51 -17.22 6.27
C PHE A 339 1.43 -18.36 5.82
N PRO A 340 1.11 -19.65 6.01
CA PRO A 340 1.96 -20.68 5.39
C PRO A 340 2.25 -20.43 3.92
N SER A 341 1.24 -20.04 3.15
CA SER A 341 1.49 -19.75 1.74
C SER A 341 2.07 -18.35 1.53
N LEU A 342 1.69 -17.37 2.34
CA LEU A 342 2.30 -16.04 2.21
C LEU A 342 3.79 -16.08 2.50
N LEU A 343 4.19 -16.83 3.53
CA LEU A 343 5.60 -16.83 3.92
C LEU A 343 6.49 -17.67 3.00
N THR A 344 5.90 -18.48 2.12
CA THR A 344 6.60 -19.19 1.05
C THR A 344 6.33 -18.63 -0.35
N ASN A 345 5.65 -17.49 -0.45
CA ASN A 345 5.16 -17.01 -1.73
C ASN A 345 6.31 -16.75 -2.71
N PRO A 346 6.16 -17.13 -3.97
CA PRO A 346 7.24 -16.89 -4.95
C PRO A 346 7.57 -15.43 -5.14
N LYS A 347 6.65 -14.51 -4.90
CA LYS A 347 6.95 -13.09 -5.06
C LYS A 347 7.67 -12.61 -3.81
N THR A 348 8.89 -12.11 -3.99
CA THR A 348 9.72 -11.63 -2.87
C THR A 348 8.97 -10.58 -2.04
N ASN A 349 8.31 -9.63 -2.71
CA ASN A 349 7.63 -8.56 -1.98
C ASN A 349 6.51 -9.08 -1.09
N ILE A 350 5.87 -10.18 -1.47
CA ILE A 350 4.85 -10.77 -0.59
C ILE A 350 5.48 -11.38 0.64
N GLN A 351 6.58 -12.14 0.47
CA GLN A 351 7.25 -12.73 1.62
C GLN A 351 7.71 -11.68 2.60
N LYS A 352 8.33 -10.61 2.09
CA LYS A 352 8.81 -9.54 2.95
C LYS A 352 7.67 -8.90 3.73
N GLU A 353 6.60 -8.54 3.02
CA GLU A 353 5.44 -7.91 3.64
C GLU A 353 4.81 -8.84 4.67
N ALA A 354 4.71 -10.13 4.34
CA ALA A 354 4.12 -11.09 5.26
C ALA A 354 5.00 -11.30 6.47
N THR A 355 6.32 -11.31 6.28
CA THR A 355 7.22 -11.50 7.41
C THR A 355 7.25 -10.27 8.30
N TRP A 356 7.12 -9.08 7.70
CA TRP A 356 7.00 -7.86 8.49
C TRP A 356 5.74 -7.89 9.33
N THR A 357 4.62 -8.30 8.72
CA THR A 357 3.36 -8.45 9.46
C THR A 357 3.52 -9.44 10.60
N MET A 358 4.23 -10.55 10.38
CA MET A 358 4.44 -11.52 11.44
C MET A 358 5.23 -10.91 12.60
N SER A 359 6.22 -10.06 12.29
CA SER A 359 7.03 -9.46 13.36
C SER A 359 6.20 -8.52 14.21
N ASN A 360 5.20 -7.87 13.61
CA ASN A 360 4.30 -7.04 14.42
C ASN A 360 3.26 -7.86 15.17
N ILE A 361 3.00 -9.10 14.73
CA ILE A 361 2.15 -9.97 15.55
C ILE A 361 2.94 -10.61 16.68
N THR A 362 4.20 -11.02 16.45
CA THR A 362 4.98 -11.52 17.58
C THR A 362 5.40 -10.42 18.52
N ALA A 363 5.17 -9.15 18.16
CA ALA A 363 5.32 -8.07 19.11
C ALA A 363 4.08 -7.87 19.97
N GLY A 364 3.06 -8.72 19.83
CA GLY A 364 1.82 -8.59 20.59
C GLY A 364 1.83 -9.32 21.91
N ARG A 365 0.63 -9.65 22.37
CA ARG A 365 0.49 -10.30 23.67
C ARG A 365 0.95 -11.75 23.59
N GLN A 366 1.25 -12.34 24.74
CA GLN A 366 1.77 -13.68 24.64
C GLN A 366 0.69 -14.70 24.24
N ASP A 367 -0.60 -14.38 24.42
CA ASP A 367 -1.63 -15.22 23.81
C ASP A 367 -1.70 -15.04 22.30
N GLN A 368 -1.25 -13.89 21.78
CA GLN A 368 -1.18 -13.75 20.33
C GLN A 368 0.02 -14.51 19.77
N ILE A 369 1.15 -14.48 20.48
CA ILE A 369 2.26 -15.36 20.14
C ILE A 369 1.81 -16.81 20.12
N GLN A 370 0.98 -17.18 21.09
CA GLN A 370 0.52 -18.58 21.15
C GLN A 370 -0.30 -18.95 19.92
N GLN A 371 -1.04 -18.00 19.35
CA GLN A 371 -1.77 -18.26 18.10
C GLN A 371 -0.81 -18.50 16.94
N VAL A 372 0.28 -17.72 16.88
CA VAL A 372 1.33 -17.97 15.90
C VAL A 372 1.84 -19.40 16.04
N VAL A 373 2.09 -19.82 17.29
CA VAL A 373 2.57 -21.17 17.54
C VAL A 373 1.54 -22.20 17.07
N ASN A 374 0.28 -22.03 17.49
CA ASN A 374 -0.76 -23.02 17.21
C ASN A 374 -1.02 -23.17 15.71
N HIS A 375 -0.86 -22.09 14.95
CA HIS A 375 -1.04 -22.17 13.50
C HIS A 375 0.16 -22.77 12.79
N GLY A 376 1.19 -23.19 13.54
CA GLY A 376 2.32 -23.85 12.95
C GLY A 376 3.21 -22.89 12.22
N LEU A 377 3.21 -21.61 12.60
CA LEU A 377 3.95 -20.63 11.85
C LEU A 377 5.41 -20.52 12.27
N VAL A 378 5.81 -21.04 13.44
CA VAL A 378 7.21 -20.93 13.85
C VAL A 378 8.14 -21.66 12.89
N PRO A 379 7.84 -22.89 12.43
CA PRO A 379 8.69 -23.48 11.37
C PRO A 379 8.80 -22.61 10.12
N PHE A 380 7.73 -21.92 9.75
CA PHE A 380 7.82 -21.03 8.59
C PHE A 380 8.73 -19.84 8.85
N LEU A 381 8.76 -19.32 10.08
CA LEU A 381 9.73 -18.26 10.38
C LEU A 381 11.17 -18.79 10.37
N VAL A 382 11.39 -20.00 10.87
CA VAL A 382 12.70 -20.62 10.75
C VAL A 382 13.08 -20.74 9.27
N GLY A 383 12.12 -21.12 8.43
CA GLY A 383 12.39 -21.25 7.01
C GLY A 383 12.81 -19.93 6.38
N VAL A 384 12.04 -18.87 6.64
CA VAL A 384 12.36 -17.56 6.06
C VAL A 384 13.72 -17.08 6.57
N LEU A 385 13.99 -17.27 7.85
CA LEU A 385 15.30 -16.91 8.39
C LEU A 385 16.41 -17.70 7.71
N SER A 386 16.13 -18.96 7.34
CA SER A 386 17.14 -19.83 6.73
C SER A 386 17.42 -19.44 5.28
N LYS A 387 16.37 -19.24 4.48
CA LYS A 387 16.55 -18.93 3.07
C LYS A 387 15.49 -17.94 2.63
N ALA A 388 15.92 -16.78 2.14
CA ALA A 388 15.03 -15.74 1.66
C ALA A 388 15.89 -14.58 1.18
N ASP A 389 15.26 -13.66 0.47
CA ASP A 389 15.89 -12.36 0.21
C ASP A 389 16.33 -11.74 1.52
N PHE A 390 17.48 -11.04 1.51
CA PHE A 390 18.03 -10.54 2.77
C PHE A 390 17.07 -9.60 3.50
N LYS A 391 16.34 -8.76 2.76
CA LYS A 391 15.39 -7.86 3.42
C LYS A 391 14.31 -8.66 4.14
N THR A 392 13.83 -9.75 3.53
CA THR A 392 12.89 -10.65 4.21
C THR A 392 13.55 -11.33 5.40
N GLN A 393 14.81 -11.73 5.27
CA GLN A 393 15.52 -12.33 6.40
C GLN A 393 15.65 -11.35 7.56
N LYS A 394 15.82 -10.06 7.25
CA LYS A 394 15.92 -9.07 8.31
C LYS A 394 14.60 -8.93 9.06
N GLU A 395 13.48 -8.95 8.33
CA GLU A 395 12.18 -8.90 8.99
C GLU A 395 11.94 -10.14 9.83
N ALA A 396 12.45 -11.30 9.38
CA ALA A 396 12.32 -12.52 10.17
C ALA A 396 13.15 -12.45 11.46
N ALA A 397 14.31 -11.80 11.40
CA ALA A 397 15.10 -11.62 12.62
C ALA A 397 14.35 -10.75 13.62
N TRP A 398 13.71 -9.68 13.13
CA TRP A 398 12.86 -8.87 13.99
C TRP A 398 11.72 -9.70 14.58
N ALA A 399 11.06 -10.52 13.76
CA ALA A 399 10.00 -11.37 14.27
C ALA A 399 10.50 -12.22 15.42
N ILE A 400 11.68 -12.79 15.27
CA ILE A 400 12.26 -13.61 16.32
C ILE A 400 12.58 -12.84 17.59
N THR A 401 13.20 -11.68 17.45
CA THR A 401 13.55 -10.88 18.60
C THR A 401 12.33 -10.44 19.35
N ASN A 402 11.30 -10.02 18.63
CA ASN A 402 10.07 -9.64 19.27
C ASN A 402 9.46 -10.80 19.99
N TYR A 403 9.49 -11.96 19.38
CA TYR A 403 8.92 -13.15 19.97
C TYR A 403 9.66 -13.47 21.27
N THR A 404 10.97 -13.38 21.23
CA THR A 404 11.80 -13.73 22.37
C THR A 404 11.64 -12.69 23.44
N SER A 405 11.30 -11.51 23.00
CA SER A 405 11.13 -10.40 23.92
C SER A 405 9.81 -10.51 24.70
N GLY A 406 8.73 -10.92 24.04
CA GLY A 406 7.46 -11.00 24.72
C GLY A 406 6.99 -12.38 25.14
N GLY A 407 7.64 -13.44 24.67
CA GLY A 407 7.13 -14.78 24.84
C GLY A 407 7.36 -15.35 26.23
N THR A 408 6.59 -16.38 26.56
CA THR A 408 6.83 -17.12 27.80
C THR A 408 8.04 -18.04 27.64
N VAL A 409 8.57 -18.48 28.78
CA VAL A 409 9.71 -19.41 28.78
C VAL A 409 9.44 -20.59 27.86
N GLU A 410 8.26 -21.20 28.00
CA GLU A 410 7.90 -22.34 27.17
C GLU A 410 7.77 -21.97 25.71
N GLN A 411 7.31 -20.76 25.40
CA GLN A 411 7.28 -20.35 24.00
C GLN A 411 8.70 -20.21 23.45
N ILE A 412 9.63 -19.72 24.26
CA ILE A 412 11.01 -19.57 23.80
C ILE A 412 11.67 -20.94 23.64
N VAL A 413 11.37 -21.88 24.56
CA VAL A 413 11.85 -23.26 24.43
C VAL A 413 11.36 -23.87 23.14
N TYR A 414 10.08 -23.67 22.82
CA TYR A 414 9.53 -24.19 21.57
C TYR A 414 10.26 -23.62 20.36
N LEU A 415 10.60 -22.32 20.39
CA LEU A 415 11.28 -21.70 19.27
C LEU A 415 12.65 -22.34 19.02
N VAL A 416 13.40 -22.61 20.09
CA VAL A 416 14.69 -23.27 19.97
C VAL A 416 14.53 -24.69 19.43
N HIS A 417 13.53 -25.42 19.93
CA HIS A 417 13.28 -26.78 19.44
C HIS A 417 12.92 -26.82 17.96
N CYS A 418 12.43 -25.70 17.39
CA CYS A 418 12.12 -25.65 15.95
C CYS A 418 13.34 -25.37 15.08
N GLY A 419 14.52 -25.21 15.66
CA GLY A 419 15.74 -25.04 14.89
C GLY A 419 16.14 -23.59 14.63
N ILE A 420 15.75 -22.67 15.51
CA ILE A 420 16.03 -21.26 15.27
C ILE A 420 17.51 -20.91 15.40
N ILE A 421 18.30 -21.69 16.14
CA ILE A 421 19.65 -21.23 16.51
C ILE A 421 20.56 -21.19 15.29
N GLU A 422 20.63 -22.28 14.53
CA GLU A 422 21.57 -22.32 13.41
C GLU A 422 21.33 -21.21 12.37
N PRO A 423 20.12 -21.00 11.85
CA PRO A 423 19.95 -19.90 10.87
C PRO A 423 20.18 -18.53 11.46
N LEU A 424 19.93 -18.38 12.76
CA LEU A 424 20.17 -17.13 13.45
C LEU A 424 21.66 -16.85 13.57
N MET A 425 22.46 -17.89 13.82
CA MET A 425 23.91 -17.72 13.88
C MET A 425 24.52 -17.44 12.50
N ASN A 426 23.94 -18.04 11.45
CA ASN A 426 24.50 -17.84 10.11
C ASN A 426 24.38 -16.40 9.64
N LEU A 427 23.35 -15.69 10.10
CA LEU A 427 23.13 -14.31 9.67
C LEU A 427 23.98 -13.30 10.44
N LEU A 428 24.72 -13.74 11.47
CA LEU A 428 25.68 -12.85 12.11
C LEU A 428 26.85 -12.51 11.20
N SER A 429 26.95 -13.15 10.03
CA SER A 429 27.95 -12.82 9.04
C SER A 429 27.46 -11.78 8.04
N ALA A 430 26.21 -11.34 8.17
CA ALA A 430 25.69 -10.30 7.29
C ALA A 430 26.43 -8.98 7.54
N LYS A 431 26.64 -8.24 6.46
CA LYS A 431 27.35 -6.97 6.56
C LYS A 431 26.44 -5.82 6.98
N ASP A 432 25.14 -6.08 7.19
CA ASP A 432 24.25 -5.08 7.76
C ASP A 432 24.40 -5.04 9.27
N THR A 433 24.56 -3.82 9.81
CA THR A 433 24.81 -3.68 11.24
C THR A 433 23.56 -3.89 12.08
N LYS A 434 22.39 -3.43 11.60
CA LYS A 434 21.19 -3.49 12.44
C LYS A 434 20.73 -4.93 12.67
N ILE A 435 20.86 -5.80 11.66
CA ILE A 435 20.44 -7.18 11.85
C ILE A 435 21.31 -7.87 12.90
N ILE A 436 22.59 -7.51 12.98
CA ILE A 436 23.46 -8.06 14.01
C ILE A 436 22.97 -7.68 15.39
N GLN A 437 22.54 -6.43 15.57
CA GLN A 437 22.02 -5.99 16.86
C GLN A 437 20.69 -6.66 17.17
N VAL A 438 19.84 -6.85 16.15
CA VAL A 438 18.58 -7.56 16.36
C VAL A 438 18.84 -9.01 16.77
N ILE A 439 19.80 -9.66 16.11
CA ILE A 439 20.08 -11.06 16.40
C ILE A 439 20.69 -11.22 17.79
N LEU A 440 21.58 -10.29 18.17
CA LEU A 440 22.21 -10.41 19.49
C LEU A 440 21.22 -10.08 20.61
N ASP A 441 20.22 -9.23 20.35
CA ASP A 441 19.15 -9.08 21.32
C ASP A 441 18.38 -10.37 21.49
N ALA A 442 18.10 -11.07 20.38
CA ALA A 442 17.38 -12.34 20.44
C ALA A 442 18.18 -13.40 21.20
N ILE A 443 19.47 -13.55 20.86
CA ILE A 443 20.33 -14.46 21.61
C ILE A 443 20.29 -14.13 23.10
N SER A 444 20.34 -12.84 23.43
CA SER A 444 20.26 -12.43 24.84
C SER A 444 18.95 -12.87 25.46
N ASN A 445 17.84 -12.66 24.75
CA ASN A 445 16.54 -13.00 25.31
C ASN A 445 16.40 -14.50 25.54
N ILE A 446 16.96 -15.31 24.63
CA ILE A 446 16.90 -16.76 24.78
C ILE A 446 17.72 -17.22 25.98
N PHE A 447 18.86 -16.57 26.24
CA PHE A 447 19.69 -17.00 27.37
C PHE A 447 19.00 -16.74 28.71
N GLN A 448 18.25 -15.64 28.83
CA GLN A 448 17.54 -15.38 30.08
C GLN A 448 16.44 -16.41 30.31
N ALA A 449 15.76 -16.84 29.25
CA ALA A 449 14.86 -17.98 29.37
C ALA A 449 15.62 -19.21 29.83
N ALA A 450 16.81 -19.44 29.27
CA ALA A 450 17.63 -20.57 29.71
C ALA A 450 18.02 -20.43 31.17
N GLU A 451 18.36 -19.21 31.61
CA GLU A 451 18.69 -18.98 33.02
C GLU A 451 17.53 -19.38 33.92
N LYS A 452 16.31 -18.98 33.57
CA LYS A 452 15.14 -19.28 34.38
C LYS A 452 14.91 -20.78 34.56
N LEU A 453 15.38 -21.60 33.63
CA LEU A 453 15.14 -23.03 33.70
C LEU A 453 16.22 -23.81 34.45
N GLY A 454 17.20 -23.12 34.96
CA GLY A 454 18.44 -23.78 35.35
C GLY A 454 19.34 -24.33 34.25
N GLU A 455 19.15 -23.89 33.00
CA GLU A 455 19.57 -24.66 31.81
C GLU A 455 20.63 -24.04 30.87
N THR A 456 21.34 -23.00 31.30
CA THR A 456 22.05 -22.12 30.39
C THR A 456 23.16 -22.79 29.55
N GLU A 457 23.91 -23.65 30.19
CA GLU A 457 25.16 -24.13 29.62
C GLU A 457 24.90 -24.95 28.37
N LYS A 458 23.79 -25.67 28.39
CA LYS A 458 23.36 -26.46 27.25
C LYS A 458 23.08 -25.60 26.02
N LEU A 459 22.53 -24.41 26.21
CA LEU A 459 22.36 -23.50 25.08
C LEU A 459 23.68 -23.09 24.50
N SER A 460 24.62 -22.85 25.38
CA SER A 460 25.91 -22.33 25.00
C SER A 460 26.55 -23.36 24.13
N ILE A 461 26.37 -24.62 24.50
CA ILE A 461 26.92 -25.69 23.71
C ILE A 461 26.33 -25.70 22.30
N MET A 462 25.03 -25.47 22.18
CA MET A 462 24.43 -25.51 20.86
C MET A 462 25.00 -24.44 19.99
N ILE A 463 25.14 -23.26 20.56
CA ILE A 463 25.60 -22.11 19.78
C ILE A 463 26.97 -22.37 19.14
N GLU A 464 27.90 -22.95 19.90
CA GLU A 464 29.25 -23.06 19.36
C GLU A 464 29.35 -24.14 18.29
N GLU A 465 28.58 -25.23 18.40
CA GLU A 465 28.53 -26.20 17.31
C GLU A 465 27.86 -25.65 16.06
N CYS A 466 27.08 -24.58 16.17
CA CYS A 466 26.52 -23.94 14.99
C CYS A 466 27.52 -23.00 14.34
N GLY A 467 28.74 -22.95 14.87
CA GLY A 467 29.73 -21.95 14.51
C GLY A 467 29.49 -20.59 15.13
N GLY A 468 28.42 -20.44 15.92
CA GLY A 468 28.00 -19.12 16.37
C GLY A 468 28.94 -18.49 17.38
N LEU A 469 29.62 -19.31 18.19
CA LEU A 469 30.51 -18.82 19.22
C LEU A 469 31.53 -17.84 18.67
N ASP A 470 32.40 -18.32 17.80
CA ASP A 470 33.55 -17.55 17.39
C ASP A 470 33.24 -16.54 16.30
N LYS A 471 32.02 -16.55 15.76
CA LYS A 471 31.61 -15.39 15.00
C LYS A 471 30.93 -14.35 15.88
N ILE A 472 30.77 -14.64 17.17
CA ILE A 472 30.41 -13.61 18.13
C ILE A 472 31.64 -12.79 18.55
N GLU A 473 32.77 -13.46 18.87
CA GLU A 473 34.04 -12.74 19.13
C GLU A 473 34.44 -11.89 17.97
N ALA A 474 34.25 -12.42 16.78
CA ALA A 474 34.57 -11.69 15.58
C ALA A 474 33.87 -10.34 15.58
N LEU A 475 32.72 -10.25 16.22
CA LEU A 475 31.92 -9.03 16.24
C LEU A 475 32.34 -8.05 17.34
N GLN A 476 33.24 -8.44 18.25
CA GLN A 476 33.79 -7.45 19.17
C GLN A 476 34.82 -6.53 18.52
N ARG A 477 35.34 -6.87 17.32
CA ARG A 477 36.11 -5.91 16.53
C ARG A 477 35.21 -4.91 15.83
N HIS A 478 33.97 -5.31 15.57
CA HIS A 478 33.10 -4.60 14.65
C HIS A 478 33.00 -3.13 15.04
N GLU A 479 32.87 -2.27 14.02
CA GLU A 479 33.06 -0.84 14.20
C GLU A 479 32.20 -0.28 15.33
N ASN A 480 30.99 -0.79 15.49
CA ASN A 480 30.02 -0.13 16.34
C ASN A 480 30.33 -0.38 17.82
N GLU A 481 30.33 0.71 18.59
CA GLU A 481 30.10 0.59 20.02
C GLU A 481 28.85 -0.26 20.27
N SER A 482 27.91 -0.23 19.33
CA SER A 482 26.66 -0.92 19.56
C SER A 482 26.80 -2.44 19.48
N VAL A 483 27.54 -2.95 18.51
CA VAL A 483 27.64 -4.40 18.48
C VAL A 483 28.60 -4.86 19.57
N TYR A 484 29.47 -3.96 20.04
CA TYR A 484 30.48 -4.27 21.06
C TYR A 484 29.86 -4.79 22.36
N LYS A 485 28.72 -4.22 22.77
CA LYS A 485 28.08 -4.46 24.07
C LYS A 485 27.85 -5.94 24.38
N ALA A 486 26.91 -6.57 23.65
CA ALA A 486 26.49 -7.92 23.96
C ALA A 486 27.52 -8.94 23.51
N SER A 487 28.28 -8.60 22.46
CA SER A 487 29.40 -9.43 22.06
C SER A 487 30.27 -9.75 23.25
N LEU A 488 30.71 -8.74 24.01
CA LEU A 488 31.45 -9.07 25.22
C LEU A 488 30.52 -9.57 26.33
N ASN A 489 29.36 -8.94 26.49
CA ASN A 489 28.42 -9.34 27.53
C ASN A 489 28.10 -10.83 27.45
N LEU A 490 27.70 -11.31 26.28
CA LEU A 490 27.25 -12.70 26.15
C LEU A 490 28.34 -13.69 26.53
N ILE A 491 29.59 -13.36 26.24
CA ILE A 491 30.71 -14.27 26.47
C ILE A 491 31.13 -14.26 27.93
N GLU A 492 31.31 -13.06 28.47
CA GLU A 492 31.69 -12.98 29.87
C GLU A 492 30.62 -13.64 30.72
N LYS A 493 29.36 -13.50 30.32
CA LYS A 493 28.27 -13.98 31.16
C LYS A 493 27.89 -15.44 30.93
N TYR A 494 28.27 -16.04 29.80
CA TYR A 494 27.81 -17.39 29.47
C TYR A 494 28.96 -18.30 29.07
N PHE A 495 29.68 -17.92 28.00
CA PHE A 495 30.64 -18.82 27.38
C PHE A 495 31.91 -19.03 28.21
N SER A 496 32.73 -17.99 28.37
CA SER A 496 34.02 -18.15 29.04
C SER A 496 33.95 -17.88 30.54
N ALA B 7 5.54 1.43 25.50
CA ALA B 7 6.73 0.62 25.27
C ALA B 7 6.44 -0.46 24.23
N THR B 8 6.03 -0.04 23.04
CA THR B 8 5.64 -0.97 21.99
C THR B 8 6.84 -1.38 21.15
N ARG B 9 6.85 -2.65 20.75
CA ARG B 9 7.80 -3.15 19.76
C ARG B 9 7.21 -3.24 18.36
N LYS B 10 5.96 -2.80 18.17
CA LYS B 10 5.40 -2.64 16.82
C LYS B 10 6.27 -1.69 16.01
N ARG B 11 6.53 -2.04 14.75
CA ARG B 11 7.37 -1.21 13.89
C ARG B 11 6.58 -0.68 12.71
N PRO B 12 6.54 0.63 12.51
CA PRO B 12 5.69 1.20 11.46
C PRO B 12 6.20 0.84 10.08
N ARG B 13 5.34 1.08 9.09
CA ARG B 13 5.75 0.95 7.70
C ARG B 13 6.53 2.18 7.26
N ALA C 7 5.93 10.32 -5.81
CA ALA C 7 5.40 9.11 -6.42
C ALA C 7 3.88 9.21 -6.62
N THR C 8 3.48 9.57 -7.84
CA THR C 8 2.09 9.84 -8.16
C THR C 8 1.37 8.57 -8.63
N ARG C 9 0.06 8.68 -8.80
CA ARG C 9 -0.73 7.57 -9.31
C ARG C 9 -1.70 8.12 -10.35
N LYS C 10 -1.39 7.91 -11.64
CA LYS C 10 -2.12 8.47 -12.79
C LYS C 10 -2.21 7.50 -13.96
N ARG C 11 -3.25 7.58 -14.77
CA ARG C 11 -3.43 6.77 -15.98
C ARG C 11 -3.88 7.58 -17.17
N PRO C 12 -3.15 7.46 -18.34
CA PRO C 12 -3.81 8.02 -19.54
C PRO C 12 -4.89 7.12 -20.09
N ARG C 13 -5.83 7.68 -20.83
CA ARG C 13 -6.73 6.88 -21.62
C ARG C 13 -6.18 6.70 -23.02
N ARG C 14 -5.84 5.48 -23.36
CA ARG C 14 -5.27 5.17 -24.65
C ARG C 14 -6.36 4.65 -25.59
N ALA C 15 -5.98 4.45 -26.85
CA ALA C 15 -6.76 3.71 -27.85
C ALA C 15 -6.02 3.87 -29.15
#